data_2QF1
#
_entry.id   2QF1
#
_cell.length_a   45.218
_cell.length_b   119.340
_cell.length_c   60.808
_cell.angle_alpha   90.00
_cell.angle_beta   108.71
_cell.angle_gamma   90.00
#
_symmetry.space_group_name_H-M   'P 1 21 1'
#
loop_
_entity.id
_entity.type
_entity.pdbx_description
1 polymer 'Phosphoenolpyruvate carboxykinase, cytosolic [GTP]'
2 non-polymer 'MANGANESE (II) ION'
3 non-polymer 'SODIUM ION'
4 non-polymer 'OXALOACETATE ION'
5 water water
#
_entity_poly.entity_id   1
_entity_poly.type   'polypeptide(L)'
_entity_poly.pdbx_seq_one_letter_code
;GSMPPQLHNGLDFSAKVIQGSLDSLPQEVRKFVEGNAQLCQPEYIHICDGSEEEYGRLLAHMQEEGVIRKLKKYDNCWLA
LTDPRDVARIESKTVIITQEQRDTVPIPKSGQSQLGRWMSEEDFEKAFNARFPGCMKGRTMYVIPFSMGPLGSPLAKIGI
ELTDSPYVVASMRIMTRMGTSVLEALGDGEFIKCLHSVGCPLPLKKPLVNNWACNPELTLIAHLPDRREIISFGSGYGGN
SLLGKKCFALRIASRLAKEEGWLAEHMLILGITNPEGKKKYLAAAFPSACGKTNLAMMNPTLPGWKVECVGDDIAWMKFD
AQGNLRAINPENGFFGVAPGTSVKTNPNAIKTIQKNTIFTNVAETSDGGVYWEGIDEPLAPGVTITSWKNKEWRPQDEEP
CAHPNSRFCTPASQCPIIDPAWESPEGVPIEGIIFGGRRPAGVPLVYEALSWQHGVFVGAAMRSEATAAAEHKGKVIMHD
PFAMRPFFGYNFGKYLAHWLSMAHRPAAKLPKIFHVNWFRKDKNGKFLWPGFGENSRVLEWMFGRIEGEDSAKLTPIGYV
PKEDALNLKGLGDVNVEELFGISKEFWEKEVEEIDKYLEDQVNADLPYEIERELRALKQRISQM
;
_entity_poly.pdbx_strand_id   A
#
# COMPACT_ATOMS: atom_id res chain seq x y z
N ASP A 12 8.79 37.08 -7.08
CA ASP A 12 8.78 36.45 -8.43
C ASP A 12 10.01 35.55 -8.63
N PHE A 13 9.76 34.24 -8.73
CA PHE A 13 10.82 33.26 -8.90
C PHE A 13 11.06 32.87 -10.37
N SER A 14 10.48 33.65 -11.28
CA SER A 14 10.62 33.42 -12.72
C SER A 14 12.08 33.24 -13.19
N ALA A 15 12.98 34.09 -12.69
CA ALA A 15 14.39 34.03 -13.07
C ALA A 15 15.09 32.71 -12.69
N LYS A 16 14.44 31.91 -11.86
CA LYS A 16 15.04 30.68 -11.32
C LYS A 16 14.52 29.38 -11.95
N VAL A 17 13.58 29.53 -12.89
CA VAL A 17 12.94 28.39 -13.54
C VAL A 17 13.83 27.83 -14.66
N ILE A 18 14.26 26.57 -14.50
CA ILE A 18 15.15 25.92 -15.46
C ILE A 18 14.42 24.98 -16.45
N GLN A 19 13.16 24.69 -16.15
CA GLN A 19 12.28 23.96 -17.06
C GLN A 19 10.83 24.35 -16.83
N GLY A 20 10.12 24.61 -17.92
CA GLY A 20 8.74 25.05 -17.89
C GLY A 20 8.60 26.55 -17.73
N SER A 21 7.45 26.98 -17.26
CA SER A 21 7.23 28.39 -16.91
C SER A 21 6.19 28.51 -15.81
N LEU A 22 6.42 29.49 -14.92
CA LEU A 22 5.46 29.80 -13.86
C LEU A 22 4.18 30.38 -14.45
N ASP A 23 4.32 31.11 -15.55
CA ASP A 23 3.20 31.76 -16.25
C ASP A 23 2.20 30.78 -16.87
N SER A 24 2.67 29.59 -17.24
CA SER A 24 1.81 28.57 -17.83
C SER A 24 1.11 27.70 -16.77
N LEU A 25 1.51 27.87 -15.51
CA LEU A 25 0.86 27.15 -14.40
C LEU A 25 -0.51 27.75 -14.08
N PRO A 26 -1.50 26.91 -13.72
CA PRO A 26 -2.77 27.46 -13.25
C PRO A 26 -2.56 28.28 -12.00
N GLN A 27 -3.35 29.33 -11.83
CA GLN A 27 -3.18 30.29 -10.74
C GLN A 27 -2.80 29.68 -9.39
N GLU A 28 -3.57 28.68 -8.96
CA GLU A 28 -3.40 28.08 -7.64
CA GLU A 28 -3.38 28.10 -7.63
C GLU A 28 -2.16 27.20 -7.55
N VAL A 29 -1.75 26.61 -8.67
CA VAL A 29 -0.51 25.83 -8.71
C VAL A 29 0.70 26.77 -8.60
N ARG A 30 0.65 27.88 -9.34
CA ARG A 30 1.70 28.90 -9.25
C ARG A 30 1.89 29.42 -7.82
N LYS A 31 0.79 29.78 -7.15
CA LYS A 31 0.85 30.22 -5.74
C LYS A 31 1.53 29.21 -4.83
N PHE A 32 1.21 27.93 -5.03
CA PHE A 32 1.77 26.83 -4.22
C PHE A 32 3.27 26.73 -4.43
N VAL A 33 3.69 26.74 -5.69
CA VAL A 33 5.11 26.69 -6.06
C VAL A 33 5.90 27.89 -5.52
N GLU A 34 5.39 29.09 -5.78
CA GLU A 34 6.09 30.34 -5.43
C GLU A 34 6.11 30.55 -3.92
N GLY A 35 4.98 30.29 -3.27
CA GLY A 35 4.89 30.36 -1.82
C GLY A 35 5.97 29.52 -1.16
N ASN A 36 6.06 28.25 -1.55
CA ASN A 36 7.06 27.35 -0.99
C ASN A 36 8.49 27.57 -1.48
N ALA A 37 8.64 28.12 -2.69
CA ALA A 37 9.96 28.58 -3.13
C ALA A 37 10.49 29.70 -2.22
N GLN A 38 9.61 30.63 -1.85
CA GLN A 38 9.95 31.74 -0.95
CA GLN A 38 9.97 31.73 -0.95
C GLN A 38 10.43 31.18 0.40
N LEU A 39 9.73 30.16 0.87
CA LEU A 39 10.03 29.54 2.15
C LEU A 39 11.32 28.68 2.11
N CYS A 40 11.40 27.80 1.12
CA CYS A 40 12.46 26.78 1.06
C CYS A 40 13.76 27.26 0.40
N GLN A 41 13.69 28.37 -0.33
CA GLN A 41 14.86 29.01 -0.94
CA GLN A 41 14.86 29.01 -0.94
C GLN A 41 15.67 28.10 -1.89
N PRO A 42 14.97 27.36 -2.80
CA PRO A 42 15.72 26.54 -3.75
C PRO A 42 16.54 27.43 -4.69
N GLU A 43 17.61 26.87 -5.26
CA GLU A 43 18.44 27.60 -6.21
CA GLU A 43 18.45 27.57 -6.22
C GLU A 43 17.73 27.65 -7.57
N TYR A 44 17.05 26.56 -7.90
CA TYR A 44 16.38 26.38 -9.18
C TYR A 44 15.00 25.78 -9.01
N ILE A 45 14.13 26.05 -9.97
CA ILE A 45 12.81 25.44 -10.04
C ILE A 45 12.67 24.72 -11.39
N HIS A 46 12.34 23.44 -11.32
CA HIS A 46 12.20 22.60 -12.50
C HIS A 46 10.78 22.07 -12.52
N ILE A 47 9.99 22.55 -13.46
CA ILE A 47 8.61 22.06 -13.62
C ILE A 47 8.65 20.82 -14.51
N CYS A 48 8.35 19.67 -13.93
CA CYS A 48 8.45 18.40 -14.66
C CYS A 48 7.45 18.30 -15.81
N ASP A 49 7.94 17.82 -16.94
CA ASP A 49 7.08 17.55 -18.08
C ASP A 49 6.75 16.06 -18.24
N GLY A 50 7.49 15.21 -17.53
CA GLY A 50 7.23 13.77 -17.54
C GLY A 50 7.72 13.06 -18.79
N SER A 51 8.46 13.79 -19.62
CA SER A 51 8.99 13.24 -20.88
C SER A 51 10.11 12.24 -20.66
N GLU A 52 10.33 11.39 -21.66
CA GLU A 52 11.38 10.39 -21.61
CA GLU A 52 11.38 10.38 -21.65
C GLU A 52 12.77 11.02 -21.54
N GLU A 53 12.95 12.14 -22.23
CA GLU A 53 14.24 12.85 -22.25
CA GLU A 53 14.24 12.84 -22.24
C GLU A 53 14.56 13.40 -20.87
N GLU A 54 13.55 14.00 -20.22
CA GLU A 54 13.69 14.53 -18.87
C GLU A 54 14.13 13.43 -17.90
N TYR A 55 13.50 12.27 -18.02
CA TYR A 55 13.77 11.10 -17.17
C TYR A 55 15.19 10.60 -17.34
N GLY A 56 15.60 10.37 -18.59
CA GLY A 56 16.95 9.86 -18.89
C GLY A 56 18.05 10.75 -18.36
N ARG A 57 17.90 12.05 -18.60
CA ARG A 57 18.87 13.06 -18.17
C ARG A 57 18.99 13.13 -16.65
N LEU A 58 17.84 13.13 -15.99
CA LEU A 58 17.73 13.10 -14.54
C LEU A 58 18.50 11.91 -13.94
N LEU A 59 18.32 10.73 -14.54
CA LEU A 59 19.00 9.51 -14.10
C LEU A 59 20.52 9.59 -14.31
N ALA A 60 20.93 10.05 -15.48
CA ALA A 60 22.34 10.25 -15.80
C ALA A 60 22.99 11.26 -14.84
N HIS A 61 22.26 12.30 -14.47
CA HIS A 61 22.75 13.27 -13.49
C HIS A 61 22.94 12.67 -12.09
N MET A 62 22.01 11.80 -11.68
CA MET A 62 22.14 11.10 -10.41
C MET A 62 23.33 10.15 -10.44
N GLN A 63 23.55 9.52 -11.59
CA GLN A 63 24.65 8.58 -11.79
C GLN A 63 26.02 9.23 -11.60
N GLU A 64 26.19 10.44 -12.13
CA GLU A 64 27.47 11.16 -12.05
CA GLU A 64 27.48 11.13 -12.03
C GLU A 64 27.71 11.83 -10.70
N GLU A 65 26.64 11.96 -9.90
CA GLU A 65 26.74 12.51 -8.55
C GLU A 65 26.85 11.41 -7.50
N GLY A 66 26.99 10.18 -7.98
CA GLY A 66 27.10 8.99 -7.13
C GLY A 66 25.83 8.64 -6.38
N VAL A 67 24.70 9.19 -6.81
CA VAL A 67 23.42 8.99 -6.13
C VAL A 67 22.78 7.64 -6.50
N ILE A 68 22.89 7.26 -7.78
CA ILE A 68 22.46 5.94 -8.24
C ILE A 68 23.54 5.28 -9.11
N ARG A 69 23.45 3.96 -9.24
CA ARG A 69 24.33 3.18 -10.08
C ARG A 69 23.51 2.51 -11.18
N LYS A 70 24.05 2.48 -12.39
CA LYS A 70 23.41 1.76 -13.49
C LYS A 70 23.68 0.26 -13.39
N LEU A 71 22.64 -0.54 -13.57
CA LEU A 71 22.74 -1.99 -13.56
C LEU A 71 22.92 -2.50 -14.99
N LYS A 72 24.15 -2.93 -15.30
CA LYS A 72 24.55 -3.24 -16.68
C LYS A 72 23.93 -4.50 -17.29
N LYS A 73 23.37 -5.38 -16.44
CA LYS A 73 22.78 -6.63 -16.93
C LYS A 73 21.42 -6.40 -17.60
N TYR A 74 20.79 -5.27 -17.29
CA TYR A 74 19.42 -5.02 -17.71
C TYR A 74 19.26 -3.80 -18.62
N ASP A 75 18.06 -3.68 -19.19
CA ASP A 75 17.69 -2.53 -20.02
C ASP A 75 17.10 -1.40 -19.15
N ASN A 76 17.87 -0.32 -19.01
CA ASN A 76 17.46 0.87 -18.25
C ASN A 76 17.03 0.58 -16.81
N CYS A 77 17.89 -0.08 -16.05
CA CYS A 77 17.64 -0.38 -14.64
C CYS A 77 18.71 0.23 -13.76
N TRP A 78 18.29 0.70 -12.58
CA TRP A 78 19.13 1.52 -11.71
C TRP A 78 19.04 1.06 -10.27
N LEU A 79 20.10 1.33 -9.51
CA LEU A 79 20.18 0.90 -8.12
C LEU A 79 20.58 2.05 -7.21
N ALA A 80 19.76 2.30 -6.19
CA ALA A 80 20.10 3.26 -5.14
C ALA A 80 20.36 2.53 -3.84
N LEU A 81 21.41 2.95 -3.14
CA LEU A 81 21.70 2.43 -1.80
C LEU A 81 21.64 3.59 -0.82
N THR A 82 20.82 3.45 0.22
CA THR A 82 20.54 4.55 1.13
C THR A 82 21.48 4.60 2.35
N ASP A 83 21.47 5.76 3.00
CA ASP A 83 21.90 5.90 4.38
C ASP A 83 21.10 4.86 5.18
N PRO A 84 21.79 3.99 5.95
CA PRO A 84 21.11 2.93 6.72
C PRO A 84 20.11 3.45 7.76
N ARG A 85 20.18 4.74 8.07
CA ARG A 85 19.24 5.41 8.96
C ARG A 85 17.91 5.73 8.28
N ASP A 86 17.88 5.66 6.94
CA ASP A 86 16.71 6.03 6.15
C ASP A 86 16.29 4.88 5.23
N VAL A 87 15.59 3.90 5.78
CA VAL A 87 15.35 2.63 5.08
C VAL A 87 13.89 2.14 5.03
N ALA A 88 12.98 2.89 5.65
CA ALA A 88 11.57 2.49 5.74
C ALA A 88 10.65 3.65 6.14
N ARG A 89 9.35 3.42 6.03
CA ARG A 89 8.35 4.26 6.67
C ARG A 89 8.58 4.24 8.19
N ILE A 90 8.53 5.41 8.82
N ILE A 90 8.49 5.42 8.81
CA ILE A 90 8.62 5.49 10.27
CA ILE A 90 8.61 5.57 10.25
C ILE A 90 7.29 5.98 10.83
C ILE A 90 7.27 6.00 10.83
N GLU A 91 6.53 5.05 11.38
CA GLU A 91 5.20 5.33 11.90
C GLU A 91 5.21 6.29 13.10
N SER A 92 6.24 6.20 13.94
CA SER A 92 6.36 7.06 15.14
C SER A 92 6.63 8.54 14.80
N LYS A 93 6.81 8.84 13.52
CA LYS A 93 7.07 10.19 13.06
CA LYS A 93 7.08 10.19 13.05
C LYS A 93 6.09 10.57 11.96
N THR A 94 5.04 9.76 11.84
CA THR A 94 3.98 9.97 10.86
C THR A 94 2.72 10.43 11.60
N VAL A 95 2.16 11.56 11.19
CA VAL A 95 1.08 12.20 11.96
C VAL A 95 -0.01 12.77 11.09
N ILE A 96 -1.20 12.90 11.69
CA ILE A 96 -2.30 13.60 11.07
C ILE A 96 -2.73 14.75 11.98
N ILE A 97 -2.94 15.92 11.37
CA ILE A 97 -3.31 17.13 12.12
C ILE A 97 -4.77 17.45 11.85
N THR A 98 -5.55 17.58 12.93
CA THR A 98 -6.92 18.06 12.86
C THR A 98 -7.17 18.91 14.10
N GLN A 99 -8.22 19.73 14.07
CA GLN A 99 -8.58 20.58 15.20
C GLN A 99 -8.84 19.73 16.46
N GLU A 100 -9.52 18.61 16.27
CA GLU A 100 -9.88 17.71 17.36
CA GLU A 100 -9.84 17.72 17.37
C GLU A 100 -9.20 16.35 17.17
N GLN A 101 -8.56 15.86 18.22
CA GLN A 101 -7.91 14.55 18.17
C GLN A 101 -8.86 13.42 17.83
N ARG A 102 -10.08 13.49 18.37
CA ARG A 102 -11.09 12.44 18.21
CA ARG A 102 -11.04 12.42 18.21
C ARG A 102 -11.46 12.22 16.74
N ASP A 103 -11.31 13.25 15.92
CA ASP A 103 -11.61 13.13 14.48
C ASP A 103 -10.59 12.29 13.72
N THR A 104 -9.39 12.17 14.31
CA THR A 104 -8.28 11.46 13.69
C THR A 104 -8.13 10.03 14.24
N VAL A 105 -8.27 9.89 15.56
CA VAL A 105 -8.12 8.61 16.25
C VAL A 105 -9.20 8.50 17.35
N PRO A 106 -9.73 7.28 17.58
CA PRO A 106 -10.65 7.20 18.70
C PRO A 106 -9.88 7.44 19.98
N ILE A 107 -10.55 7.90 21.02
CA ILE A 107 -9.90 8.09 22.31
C ILE A 107 -9.90 6.78 23.10
N PRO A 108 -8.72 6.16 23.30
CA PRO A 108 -8.66 4.83 23.92
C PRO A 108 -9.17 4.82 25.36
N LYS A 109 -9.73 3.67 25.78
CA LYS A 109 -10.26 3.54 27.13
CA LYS A 109 -10.27 3.52 27.12
C LYS A 109 -9.15 3.39 28.16
N SER A 110 -8.09 2.67 27.80
CA SER A 110 -7.04 2.34 28.76
C SER A 110 -5.67 2.92 28.43
N GLY A 111 -5.12 2.54 27.27
CA GLY A 111 -3.75 2.88 26.94
C GLY A 111 -3.65 3.93 25.85
N GLN A 112 -2.60 3.80 25.05
CA GLN A 112 -2.29 4.70 23.94
CA GLN A 112 -2.37 4.75 23.96
C GLN A 112 -2.89 4.16 22.65
N SER A 113 -3.22 5.03 21.70
CA SER A 113 -3.80 4.57 20.43
C SER A 113 -2.81 3.85 19.52
N GLN A 114 -3.25 2.72 18.98
CA GLN A 114 -2.46 1.97 18.01
C GLN A 114 -3.00 2.28 16.62
N LEU A 115 -4.03 3.11 16.55
CA LEU A 115 -4.79 3.30 15.31
C LEU A 115 -4.48 4.61 14.60
N GLY A 116 -3.42 5.28 15.01
CA GLY A 116 -3.03 6.52 14.36
C GLY A 116 -2.29 7.39 15.33
N ARG A 117 -1.78 8.51 14.82
CA ARG A 117 -1.01 9.45 15.62
CA ARG A 117 -1.01 9.45 15.64
C ARG A 117 -1.42 10.86 15.27
N TRP A 118 -2.05 11.54 16.23
CA TRP A 118 -2.52 12.89 16.06
C TRP A 118 -1.49 13.89 16.56
N MET A 119 -1.35 15.01 15.86
CA MET A 119 -0.58 16.14 16.35
C MET A 119 -1.44 17.39 16.20
N SER A 120 -1.38 18.27 17.18
CA SER A 120 -2.17 19.49 17.16
C SER A 120 -1.63 20.45 16.11
N GLU A 121 -2.51 21.33 15.64
CA GLU A 121 -2.16 22.37 14.66
CA GLU A 121 -2.16 22.35 14.66
C GLU A 121 -1.02 23.23 15.16
N GLU A 122 -1.08 23.58 16.45
CA GLU A 122 -0.05 24.41 17.10
C GLU A 122 1.30 23.72 17.16
N ASP A 123 1.29 22.44 17.48
CA ASP A 123 2.53 21.67 17.57
C ASP A 123 3.16 21.47 16.20
N PHE A 124 2.31 21.20 15.21
CA PHE A 124 2.81 21.07 13.85
C PHE A 124 3.43 22.36 13.30
N GLU A 125 2.77 23.49 13.53
CA GLU A 125 3.28 24.79 13.10
C GLU A 125 4.70 25.04 13.62
N LYS A 126 4.94 24.75 14.90
CA LYS A 126 6.27 24.87 15.49
CA LYS A 126 6.27 24.85 15.50
C LYS A 126 7.25 23.90 14.85
N ALA A 127 6.80 22.66 14.62
CA ALA A 127 7.61 21.64 13.96
C ALA A 127 8.03 22.06 12.56
N PHE A 128 7.06 22.56 11.79
CA PHE A 128 7.21 23.06 10.40
C PHE A 128 8.25 24.19 10.31
N ASN A 129 8.10 25.20 11.17
CA ASN A 129 9.02 26.32 11.29
C ASN A 129 10.45 25.92 11.66
N ALA A 130 10.58 24.82 12.39
CA ALA A 130 11.90 24.30 12.79
C ALA A 130 12.58 23.50 11.66
N ARG A 131 11.90 23.34 10.53
CA ARG A 131 12.36 22.44 9.47
C ARG A 131 12.49 23.07 8.08
N PHE A 132 11.42 23.69 7.62
CA PHE A 132 11.32 24.08 6.20
C PHE A 132 12.04 25.36 5.76
N PRO A 133 12.02 26.45 6.58
CA PRO A 133 12.73 27.65 6.14
C PRO A 133 14.16 27.39 5.66
N GLY A 134 14.43 27.74 4.40
CA GLY A 134 15.77 27.62 3.82
C GLY A 134 16.22 26.21 3.47
N CYS A 135 15.35 25.22 3.67
CA CYS A 135 15.73 23.79 3.57
C CYS A 135 16.19 23.30 2.19
N MET A 136 15.86 24.05 1.13
CA MET A 136 16.31 23.66 -0.22
C MET A 136 17.43 24.52 -0.79
N LYS A 137 18.08 25.32 0.05
CA LYS A 137 19.18 26.17 -0.38
C LYS A 137 20.23 25.37 -1.15
N GLY A 138 20.58 25.87 -2.34
CA GLY A 138 21.56 25.22 -3.21
C GLY A 138 21.03 24.05 -4.02
N ARG A 139 19.76 23.70 -3.82
CA ARG A 139 19.16 22.58 -4.52
C ARG A 139 18.09 23.01 -5.52
N THR A 140 17.70 22.09 -6.38
CA THR A 140 16.58 22.28 -7.28
C THR A 140 15.27 21.86 -6.60
N MET A 141 14.27 22.72 -6.65
CA MET A 141 12.89 22.33 -6.35
C MET A 141 12.21 21.78 -7.61
N TYR A 142 11.96 20.48 -7.63
CA TYR A 142 11.19 19.85 -8.71
C TYR A 142 9.69 19.95 -8.43
N VAL A 143 8.94 20.36 -9.45
CA VAL A 143 7.49 20.45 -9.35
C VAL A 143 6.90 19.28 -10.16
N ILE A 144 6.28 18.33 -9.47
CA ILE A 144 5.76 17.11 -10.10
C ILE A 144 4.23 17.16 -10.18
N PRO A 145 3.67 17.41 -11.37
CA PRO A 145 2.22 17.31 -11.45
C PRO A 145 1.83 15.86 -11.72
N PHE A 146 0.98 15.29 -10.88
CA PHE A 146 0.66 13.87 -11.00
C PHE A 146 -0.80 13.53 -10.74
N SER A 147 -1.26 12.47 -11.40
CA SER A 147 -2.62 12.03 -11.27
C SER A 147 -2.60 10.67 -10.60
N MET A 148 -3.45 10.52 -9.60
CA MET A 148 -3.69 9.22 -9.00
C MET A 148 -4.93 8.63 -9.66
N GLY A 149 -4.71 7.63 -10.51
CA GLY A 149 -5.76 7.08 -11.34
C GLY A 149 -5.59 7.48 -12.80
N PRO A 150 -6.31 6.77 -13.69
CA PRO A 150 -6.30 7.09 -15.12
C PRO A 150 -6.72 8.55 -15.33
N LEU A 151 -5.91 9.29 -16.10
CA LEU A 151 -6.13 10.73 -16.29
CA LEU A 151 -6.12 10.72 -16.34
C LEU A 151 -7.58 11.16 -16.45
N GLY A 152 -8.34 10.45 -17.29
CA GLY A 152 -9.73 10.81 -17.54
C GLY A 152 -10.76 10.32 -16.54
N SER A 153 -10.33 9.56 -15.54
CA SER A 153 -11.26 8.86 -14.66
C SER A 153 -12.03 9.80 -13.73
N PRO A 154 -13.33 9.54 -13.52
CA PRO A 154 -14.09 10.28 -12.52
C PRO A 154 -13.62 9.96 -11.10
N LEU A 155 -12.87 8.87 -10.94
CA LEU A 155 -12.38 8.45 -9.62
C LEU A 155 -10.96 8.94 -9.35
N ALA A 156 -10.32 9.50 -10.36
CA ALA A 156 -8.94 9.99 -10.24
C ALA A 156 -8.86 11.31 -9.48
N LYS A 157 -7.72 11.52 -8.82
CA LYS A 157 -7.44 12.75 -8.08
C LYS A 157 -6.03 13.21 -8.41
N ILE A 158 -5.83 14.52 -8.44
CA ILE A 158 -4.57 15.11 -8.89
C ILE A 158 -3.81 15.70 -7.71
N GLY A 159 -2.49 15.56 -7.73
CA GLY A 159 -1.63 16.19 -6.74
C GLY A 159 -0.53 16.97 -7.44
N ILE A 160 0.11 17.86 -6.68
CA ILE A 160 1.33 18.52 -7.12
C ILE A 160 2.33 18.27 -6.00
N GLU A 161 3.40 17.53 -6.29
CA GLU A 161 4.46 17.35 -5.29
C GLU A 161 5.65 18.27 -5.60
N LEU A 162 6.10 18.97 -4.56
CA LEU A 162 7.35 19.72 -4.62
C LEU A 162 8.39 18.91 -3.87
N THR A 163 9.56 18.73 -4.48
CA THR A 163 10.62 17.94 -3.83
C THR A 163 11.99 18.47 -4.24
N ASP A 164 12.98 18.27 -3.39
CA ASP A 164 14.36 18.58 -3.76
C ASP A 164 15.13 17.31 -4.16
N SER A 165 14.40 16.18 -4.23
CA SER A 165 15.04 14.89 -4.50
C SER A 165 14.77 14.34 -5.91
N PRO A 166 15.83 14.21 -6.72
CA PRO A 166 15.69 13.59 -8.03
C PRO A 166 15.23 12.14 -7.95
N TYR A 167 15.68 11.42 -6.92
CA TYR A 167 15.24 10.06 -6.65
C TYR A 167 13.71 9.99 -6.57
N VAL A 168 13.10 10.95 -5.86
CA VAL A 168 11.64 11.07 -5.77
C VAL A 168 11.00 11.33 -7.15
N VAL A 169 11.58 12.24 -7.93
CA VAL A 169 11.06 12.55 -9.26
C VAL A 169 10.98 11.30 -10.16
N ALA A 170 12.10 10.60 -10.28
CA ALA A 170 12.17 9.39 -11.11
C ALA A 170 11.15 8.33 -10.65
N SER A 171 11.06 8.13 -9.34
CA SER A 171 10.14 7.14 -8.77
C SER A 171 8.68 7.53 -8.94
N MET A 172 8.38 8.82 -8.79
CA MET A 172 7.03 9.34 -9.06
C MET A 172 6.60 9.16 -10.52
N ARG A 173 7.54 9.25 -11.47
CA ARG A 173 7.21 9.04 -12.89
C ARG A 173 6.68 7.63 -13.10
N ILE A 174 7.24 6.69 -12.34
CA ILE A 174 6.85 5.29 -12.44
C ILE A 174 5.55 5.03 -11.67
N MET A 175 5.49 5.53 -10.44
CA MET A 175 4.42 5.20 -9.49
C MET A 175 3.11 5.95 -9.71
N THR A 176 3.18 7.04 -10.47
CA THR A 176 2.03 7.90 -10.77
C THR A 176 2.05 8.26 -12.25
N ARG A 177 0.96 8.85 -12.75
CA ARG A 177 0.95 9.48 -14.09
C ARG A 177 1.41 10.91 -13.92
N MET A 178 2.58 11.22 -14.50
CA MET A 178 3.29 12.47 -14.21
CA MET A 178 3.31 12.44 -14.20
C MET A 178 3.59 13.31 -15.44
N GLY A 179 3.55 14.63 -15.27
CA GLY A 179 3.96 15.53 -16.33
C GLY A 179 2.96 16.55 -16.83
N THR A 180 3.24 17.08 -18.02
CA THR A 180 2.52 18.19 -18.62
C THR A 180 1.02 17.92 -18.89
N SER A 181 0.69 16.68 -19.27
CA SER A 181 -0.69 16.32 -19.55
C SER A 181 -1.57 16.37 -18.29
N VAL A 182 -0.95 16.20 -17.13
CA VAL A 182 -1.68 16.32 -15.87
C VAL A 182 -2.01 17.78 -15.58
N LEU A 183 -1.04 18.67 -15.79
CA LEU A 183 -1.26 20.10 -15.64
C LEU A 183 -2.43 20.59 -16.48
N GLU A 184 -2.44 20.19 -17.75
CA GLU A 184 -3.49 20.56 -18.70
C GLU A 184 -4.86 19.96 -18.36
N ALA A 185 -4.85 18.82 -17.69
CA ALA A 185 -6.09 18.17 -17.25
C ALA A 185 -6.65 18.90 -16.04
N LEU A 186 -5.77 19.21 -15.08
CA LEU A 186 -6.13 19.90 -13.85
C LEU A 186 -6.88 21.20 -14.08
N GLY A 187 -6.30 22.08 -14.90
CA GLY A 187 -6.85 23.41 -15.13
C GLY A 187 -6.94 24.16 -13.82
N ASP A 188 -8.08 24.77 -13.55
CA ASP A 188 -8.28 25.45 -12.28
C ASP A 188 -9.00 24.58 -11.24
N GLY A 189 -8.83 23.26 -11.37
CA GLY A 189 -9.41 22.30 -10.43
C GLY A 189 -8.65 22.19 -9.12
N GLU A 190 -9.24 21.49 -8.16
CA GLU A 190 -8.61 21.25 -6.87
C GLU A 190 -7.52 20.19 -7.01
N PHE A 191 -6.49 20.30 -6.18
CA PHE A 191 -5.43 19.30 -6.16
C PHE A 191 -4.91 19.17 -4.76
N ILE A 192 -4.31 18.03 -4.47
CA ILE A 192 -3.68 17.82 -3.18
C ILE A 192 -2.28 18.44 -3.23
N LYS A 193 -1.98 19.29 -2.25
CA LYS A 193 -0.69 19.95 -2.15
CA LYS A 193 -0.68 19.95 -2.14
C LYS A 193 0.29 19.05 -1.39
N CYS A 194 1.40 18.70 -2.03
CA CYS A 194 2.38 17.79 -1.43
C CYS A 194 3.76 18.45 -1.39
N LEU A 195 4.29 18.62 -0.18
CA LEU A 195 5.58 19.28 -0.01
C LEU A 195 6.55 18.30 0.63
N HIS A 196 7.71 18.13 -0.01
CA HIS A 196 8.73 17.21 0.48
C HIS A 196 10.13 17.83 0.43
N SER A 197 10.90 17.63 1.49
CA SER A 197 12.32 17.98 1.48
C SER A 197 13.11 16.94 2.23
N VAL A 198 14.30 16.61 1.73
CA VAL A 198 15.18 15.68 2.43
C VAL A 198 15.80 16.34 3.65
N GLY A 199 15.74 17.67 3.73
CA GLY A 199 16.18 18.40 4.92
C GLY A 199 17.67 18.59 5.05
N CYS A 200 18.34 18.76 3.91
CA CYS A 200 19.78 18.93 3.87
C CYS A 200 20.18 20.11 2.98
N PRO A 201 19.94 21.35 3.46
CA PRO A 201 20.28 22.50 2.62
C PRO A 201 21.80 22.57 2.43
N LEU A 202 22.22 23.13 1.31
CA LEU A 202 23.65 23.33 1.05
C LEU A 202 24.06 24.74 1.48
N PRO A 203 25.28 24.90 2.01
CA PRO A 203 26.28 23.85 2.28
C PRO A 203 25.85 22.89 3.38
N LEU A 204 26.21 21.62 3.24
CA LEU A 204 25.83 20.58 4.19
C LEU A 204 26.37 20.83 5.59
N LYS A 205 25.47 20.83 6.58
CA LYS A 205 25.87 20.99 7.98
C LYS A 205 26.33 19.66 8.58
N LYS A 206 25.71 18.57 8.15
CA LYS A 206 26.04 17.23 8.64
C LYS A 206 26.60 16.34 7.51
N PRO A 207 27.45 15.34 7.86
CA PRO A 207 28.10 14.49 6.86
C PRO A 207 27.10 13.76 5.96
N LEU A 208 27.38 13.71 4.67
CA LEU A 208 26.56 12.98 3.71
C LEU A 208 26.97 11.51 3.72
N VAL A 209 26.01 10.63 3.98
CA VAL A 209 26.28 9.21 4.05
C VAL A 209 25.73 8.51 2.80
N ASN A 210 26.59 7.73 2.15
CA ASN A 210 26.23 6.94 0.97
C ASN A 210 25.58 7.75 -0.15
N ASN A 211 25.97 9.02 -0.25
CA ASN A 211 25.38 9.96 -1.20
C ASN A 211 23.84 9.98 -1.13
N TRP A 212 23.33 9.80 0.08
CA TRP A 212 21.90 9.76 0.34
C TRP A 212 21.53 10.85 1.35
N ALA A 213 21.01 11.95 0.83
CA ALA A 213 20.61 13.08 1.66
C ALA A 213 19.35 12.76 2.44
N CYS A 214 19.42 12.98 3.74
CA CYS A 214 18.33 12.75 4.67
C CYS A 214 18.65 13.38 6.02
N ASN A 215 17.61 13.55 6.84
CA ASN A 215 17.73 14.15 8.15
C ASN A 215 16.83 13.37 9.11
N PRO A 216 17.34 12.23 9.63
CA PRO A 216 16.54 11.34 10.47
C PRO A 216 16.03 11.97 11.77
N GLU A 217 16.89 12.74 12.43
CA GLU A 217 16.57 13.45 13.66
CA GLU A 217 16.53 13.42 13.67
C GLU A 217 15.30 14.30 13.54
N LEU A 218 15.10 14.89 12.36
CA LEU A 218 13.97 15.81 12.12
C LEU A 218 12.90 15.24 11.19
N THR A 219 13.00 13.94 10.89
CA THR A 219 12.03 13.27 10.04
C THR A 219 10.62 13.42 10.62
N LEU A 220 9.69 13.85 9.78
CA LEU A 220 8.30 13.99 10.18
C LEU A 220 7.45 13.98 8.92
N ILE A 221 6.46 13.12 8.87
N ILE A 221 6.40 13.16 8.90
CA ILE A 221 5.59 13.13 7.71
CA ILE A 221 5.53 12.99 7.71
C ILE A 221 4.18 13.42 8.20
C ILE A 221 4.08 13.33 8.06
N ALA A 222 3.66 14.56 7.76
CA ALA A 222 2.41 15.11 8.25
C ALA A 222 1.31 15.17 7.21
N HIS A 223 0.07 15.00 7.66
CA HIS A 223 -1.12 15.09 6.78
C HIS A 223 -2.09 16.06 7.38
N LEU A 224 -2.58 16.98 6.56
CA LEU A 224 -3.52 17.98 7.04
C LEU A 224 -4.74 17.91 6.14
N PRO A 225 -5.64 16.93 6.42
CA PRO A 225 -6.76 16.65 5.50
C PRO A 225 -7.68 17.84 5.26
N ASP A 226 -7.87 18.68 6.27
CA ASP A 226 -8.76 19.83 6.10
C ASP A 226 -8.18 20.87 5.15
N ARG A 227 -6.85 20.93 5.07
CA ARG A 227 -6.15 21.85 4.18
C ARG A 227 -5.75 21.20 2.85
N ARG A 228 -6.05 19.92 2.69
CA ARG A 228 -5.66 19.12 1.51
C ARG A 228 -4.14 19.19 1.28
N GLU A 229 -3.36 19.03 2.35
CA GLU A 229 -1.91 19.16 2.28
C GLU A 229 -1.24 17.95 2.91
N ILE A 230 -0.14 17.51 2.29
CA ILE A 230 0.78 16.52 2.87
C ILE A 230 2.13 17.21 2.95
N ILE A 231 2.79 17.13 4.10
CA ILE A 231 4.05 17.84 4.32
C ILE A 231 5.05 16.88 4.97
N SER A 232 6.12 16.55 4.25
CA SER A 232 7.05 15.51 4.68
C SER A 232 8.50 16.00 4.65
N PHE A 233 9.20 15.76 5.76
CA PHE A 233 10.56 16.30 5.94
C PHE A 233 11.51 15.22 6.45
N GLY A 234 12.72 15.17 5.93
CA GLY A 234 13.81 14.39 6.54
C GLY A 234 14.12 13.02 5.98
N SER A 235 13.15 12.38 5.36
CA SER A 235 13.37 11.06 4.76
C SER A 235 13.21 11.11 3.25
N GLY A 236 14.14 10.49 2.54
CA GLY A 236 14.03 10.36 1.08
C GLY A 236 13.43 9.04 0.64
N TYR A 237 13.00 8.23 1.60
CA TYR A 237 12.62 6.84 1.35
C TYR A 237 11.15 6.60 1.11
N GLY A 238 10.86 5.94 -0.02
CA GLY A 238 9.57 5.31 -0.31
C GLY A 238 8.29 6.00 0.14
N GLY A 239 7.61 5.36 1.10
CA GLY A 239 6.35 5.87 1.65
C GLY A 239 6.43 7.24 2.29
N ASN A 240 7.64 7.64 2.71
CA ASN A 240 7.84 8.96 3.31
C ASN A 240 8.01 10.09 2.29
N SER A 241 8.43 9.74 1.08
CA SER A 241 8.84 10.74 0.09
C SER A 241 8.04 10.70 -1.21
N LEU A 242 7.54 9.51 -1.56
CA LEU A 242 6.65 9.35 -2.70
CA LEU A 242 6.65 9.34 -2.69
C LEU A 242 5.24 9.60 -2.20
N LEU A 243 4.85 10.87 -2.21
CA LEU A 243 3.65 11.30 -1.48
C LEU A 243 2.30 10.81 -2.03
N GLY A 244 2.26 10.44 -3.31
CA GLY A 244 1.05 9.87 -3.91
C GLY A 244 0.69 8.54 -3.26
N LYS A 245 1.73 7.76 -2.96
CA LYS A 245 1.64 6.40 -2.42
C LYS A 245 0.72 6.22 -1.21
N LYS A 246 1.25 6.36 -0.01
CA LYS A 246 0.48 6.11 1.21
C LYS A 246 -0.19 7.39 1.73
N CYS A 247 0.56 8.49 1.68
CA CYS A 247 0.09 9.75 2.27
C CYS A 247 -1.18 10.24 1.60
N PHE A 248 -1.17 10.20 0.28
CA PHE A 248 -2.27 10.66 -0.54
C PHE A 248 -3.28 9.52 -0.72
N ALA A 249 -2.83 8.42 -1.32
CA ALA A 249 -3.71 7.33 -1.76
C ALA A 249 -4.45 6.58 -0.65
N LEU A 250 -3.92 6.60 0.58
CA LEU A 250 -4.62 6.04 1.73
C LEU A 250 -5.05 7.08 2.77
N ARG A 251 -4.12 7.88 3.29
CA ARG A 251 -4.45 8.74 4.44
C ARG A 251 -5.34 9.92 4.08
N ILE A 252 -4.88 10.75 3.15
CA ILE A 252 -5.71 11.84 2.64
C ILE A 252 -6.96 11.28 1.96
N ALA A 253 -6.75 10.31 1.08
CA ALA A 253 -7.85 9.71 0.31
C ALA A 253 -8.92 9.04 1.19
N SER A 254 -8.54 8.36 2.28
CA SER A 254 -9.61 7.72 3.08
C SER A 254 -10.52 8.79 3.69
N ARG A 255 -10.03 10.00 3.86
CA ARG A 255 -10.84 11.07 4.43
C ARG A 255 -11.74 11.71 3.37
N LEU A 256 -11.18 11.97 2.19
CA LEU A 256 -11.96 12.43 1.03
C LEU A 256 -13.10 11.43 0.73
N ALA A 257 -12.78 10.14 0.81
CA ALA A 257 -13.74 9.08 0.61
C ALA A 257 -14.86 9.08 1.67
N LYS A 258 -14.49 9.28 2.95
CA LYS A 258 -15.46 9.43 4.03
CA LYS A 258 -15.48 9.41 4.02
C LYS A 258 -16.44 10.55 3.71
N GLU A 259 -15.90 11.69 3.28
CA GLU A 259 -16.67 12.90 2.97
C GLU A 259 -17.55 12.70 1.74
N GLU A 260 -17.05 11.98 0.74
CA GLU A 260 -17.70 11.93 -0.56
C GLU A 260 -18.49 10.64 -0.83
N GLY A 261 -18.38 9.66 0.07
CA GLY A 261 -19.18 8.44 -0.04
C GLY A 261 -18.55 7.27 -0.77
N TRP A 262 -17.21 7.26 -0.85
CA TRP A 262 -16.51 6.14 -1.49
C TRP A 262 -15.48 5.51 -0.53
N LEU A 263 -14.61 4.64 -1.04
CA LEU A 263 -13.63 3.94 -0.18
C LEU A 263 -12.18 4.01 -0.70
N ALA A 264 -11.22 4.27 0.19
CA ALA A 264 -9.81 4.22 -0.18
C ALA A 264 -9.17 3.15 0.69
N GLU A 265 -8.74 2.06 0.07
CA GLU A 265 -8.36 0.86 0.82
C GLU A 265 -6.99 0.27 0.48
N HIS A 266 -6.39 -0.42 1.45
CA HIS A 266 -5.10 -1.07 1.24
C HIS A 266 -5.39 -2.42 0.59
N MET A 267 -5.86 -2.39 -0.66
CA MET A 267 -6.32 -3.61 -1.35
C MET A 267 -5.70 -3.82 -2.71
N LEU A 268 -5.32 -5.06 -2.98
CA LEU A 268 -4.99 -5.47 -4.34
C LEU A 268 -6.31 -5.63 -5.10
N ILE A 269 -6.25 -5.57 -6.42
CA ILE A 269 -7.40 -5.82 -7.26
C ILE A 269 -6.96 -6.80 -8.33
N LEU A 270 -7.67 -7.91 -8.44
CA LEU A 270 -7.38 -8.87 -9.51
C LEU A 270 -8.64 -9.25 -10.30
N GLY A 271 -8.44 -9.65 -11.55
CA GLY A 271 -9.53 -10.14 -12.39
C GLY A 271 -9.30 -11.62 -12.63
N ILE A 272 -10.36 -12.42 -12.44
CA ILE A 272 -10.23 -13.87 -12.60
C ILE A 272 -11.28 -14.42 -13.56
N THR A 273 -10.83 -15.22 -14.52
CA THR A 273 -11.71 -15.82 -15.52
C THR A 273 -11.72 -17.34 -15.36
N ASN A 274 -12.91 -17.91 -15.33
CA ASN A 274 -13.08 -19.36 -15.27
C ASN A 274 -12.99 -20.05 -16.65
N PRO A 275 -12.93 -21.40 -16.68
CA PRO A 275 -12.86 -22.13 -17.95
C PRO A 275 -14.10 -22.00 -18.85
N GLU A 276 -15.10 -21.22 -18.40
CA GLU A 276 -16.30 -20.98 -19.20
C GLU A 276 -16.43 -19.52 -19.62
N GLY A 277 -15.32 -18.80 -19.56
CA GLY A 277 -15.26 -17.41 -20.04
C GLY A 277 -15.79 -16.36 -19.09
N LYS A 278 -16.33 -16.78 -17.95
CA LYS A 278 -16.88 -15.85 -16.96
CA LYS A 278 -16.88 -15.85 -16.97
C LYS A 278 -15.76 -15.19 -16.15
N LYS A 279 -15.80 -13.86 -16.10
CA LYS A 279 -14.78 -13.09 -15.39
C LYS A 279 -15.38 -12.31 -14.23
N LYS A 280 -14.69 -12.37 -13.09
CA LYS A 280 -15.02 -11.59 -11.90
C LYS A 280 -13.80 -10.81 -11.41
N TYR A 281 -14.04 -9.63 -10.83
CA TYR A 281 -12.98 -8.89 -10.16
C TYR A 281 -13.10 -9.01 -8.64
N LEU A 282 -11.96 -9.22 -7.99
CA LEU A 282 -11.88 -9.34 -6.53
C LEU A 282 -10.89 -8.34 -5.95
N ALA A 283 -11.15 -7.89 -4.73
CA ALA A 283 -10.20 -7.06 -4.00
C ALA A 283 -9.77 -7.77 -2.72
N ALA A 284 -8.51 -7.62 -2.34
CA ALA A 284 -7.99 -8.31 -1.14
C ALA A 284 -7.13 -7.38 -0.32
N ALA A 285 -7.35 -7.39 1.00
CA ALA A 285 -6.58 -6.59 1.95
C ALA A 285 -5.78 -7.50 2.87
N PHE A 286 -4.47 -7.52 2.70
CA PHE A 286 -3.55 -8.25 3.60
C PHE A 286 -2.55 -7.25 4.19
N PRO A 287 -2.06 -7.48 5.43
CA PRO A 287 -1.07 -6.54 5.98
C PRO A 287 0.18 -6.39 5.12
N SER A 288 0.79 -5.20 5.16
CA SER A 288 2.06 -4.91 4.51
C SER A 288 3.05 -6.08 4.64
N ALA A 289 3.62 -6.48 3.50
CA ALA A 289 4.48 -7.66 3.40
C ALA A 289 3.81 -8.94 3.91
N CYS A 290 2.92 -9.49 3.09
CA CYS A 290 2.19 -10.71 3.42
C CYS A 290 1.89 -11.55 2.18
N GLY A 291 1.81 -10.90 1.03
CA GLY A 291 1.65 -11.58 -0.25
C GLY A 291 0.57 -11.00 -1.13
N LYS A 292 0.53 -9.68 -1.24
CA LYS A 292 -0.42 -9.01 -2.13
C LYS A 292 -0.01 -9.17 -3.60
N THR A 293 1.25 -8.87 -3.89
CA THR A 293 1.78 -8.98 -5.25
C THR A 293 1.73 -10.43 -5.74
N ASN A 294 1.99 -11.38 -4.84
CA ASN A 294 1.91 -12.80 -5.15
C ASN A 294 0.52 -13.23 -5.62
N LEU A 295 -0.50 -12.77 -4.90
CA LEU A 295 -1.88 -13.12 -5.23
C LEU A 295 -2.36 -12.37 -6.47
N ALA A 296 -2.03 -11.08 -6.55
CA ALA A 296 -2.47 -10.23 -7.64
C ALA A 296 -1.86 -10.64 -8.98
N MET A 297 -0.70 -11.29 -8.93
CA MET A 297 0.01 -11.66 -10.16
C MET A 297 0.21 -13.16 -10.31
N MET A 298 -0.56 -13.96 -9.57
CA MET A 298 -0.34 -15.40 -9.55
C MET A 298 -0.58 -16.02 -10.92
N ASN A 299 0.18 -17.07 -11.22
CA ASN A 299 -0.18 -17.95 -12.31
CA ASN A 299 -0.17 -17.96 -12.30
C ASN A 299 -0.96 -19.13 -11.73
N PRO A 300 -2.29 -19.17 -12.02
CA PRO A 300 -3.11 -20.23 -11.45
C PRO A 300 -2.72 -21.61 -11.96
N THR A 301 -2.81 -22.61 -11.09
CA THR A 301 -2.43 -23.98 -11.43
C THR A 301 -3.57 -24.76 -12.05
N LEU A 302 -4.80 -24.32 -11.78
CA LEU A 302 -5.99 -24.97 -12.33
C LEU A 302 -6.14 -24.63 -13.81
N PRO A 303 -6.25 -25.66 -14.66
CA PRO A 303 -6.41 -25.47 -16.10
C PRO A 303 -7.67 -24.68 -16.45
N GLY A 304 -7.57 -23.83 -17.47
CA GLY A 304 -8.71 -23.05 -17.94
C GLY A 304 -8.97 -21.78 -17.16
N TRP A 305 -8.26 -21.59 -16.06
CA TRP A 305 -8.39 -20.38 -15.25
C TRP A 305 -7.30 -19.38 -15.58
N LYS A 306 -7.63 -18.10 -15.47
CA LYS A 306 -6.62 -17.07 -15.66
C LYS A 306 -6.82 -15.94 -14.66
N VAL A 307 -5.70 -15.41 -14.16
CA VAL A 307 -5.71 -14.25 -13.26
CA VAL A 307 -5.75 -14.22 -13.31
C VAL A 307 -4.98 -13.08 -13.96
N GLU A 308 -5.54 -11.89 -13.82
CA GLU A 308 -4.95 -10.68 -14.38
C GLU A 308 -4.91 -9.60 -13.31
N CYS A 309 -3.85 -8.81 -13.30
CA CYS A 309 -3.61 -7.80 -12.27
C CYS A 309 -4.16 -6.44 -12.65
N VAL A 310 -4.96 -5.86 -11.76
CA VAL A 310 -5.39 -4.46 -11.91
C VAL A 310 -4.48 -3.58 -11.07
N GLY A 311 -4.21 -4.03 -9.84
CA GLY A 311 -3.35 -3.35 -8.89
C GLY A 311 -2.89 -4.28 -7.77
N ASP A 312 -1.83 -3.90 -7.07
CA ASP A 312 -1.25 -4.75 -6.04
C ASP A 312 -1.16 -4.10 -4.65
N ASP A 313 -1.71 -2.91 -4.48
CA ASP A 313 -1.53 -2.19 -3.20
C ASP A 313 -2.74 -1.35 -2.75
N ILE A 314 -3.28 -0.53 -3.64
CA ILE A 314 -4.33 0.43 -3.28
C ILE A 314 -5.53 0.31 -4.21
N ALA A 315 -6.71 0.38 -3.62
CA ALA A 315 -7.96 0.38 -4.35
C ALA A 315 -8.80 1.59 -3.97
N TRP A 316 -9.29 2.31 -4.95
CA TRP A 316 -10.30 3.34 -4.70
C TRP A 316 -11.61 2.84 -5.29
N MET A 317 -12.66 2.78 -4.46
CA MET A 317 -13.91 2.10 -4.81
C MET A 317 -15.14 2.97 -4.55
N LYS A 318 -16.03 3.06 -5.54
CA LYS A 318 -17.25 3.86 -5.42
CA LYS A 318 -17.25 3.87 -5.43
C LYS A 318 -18.41 3.12 -6.08
N PHE A 319 -19.54 3.04 -5.38
CA PHE A 319 -20.74 2.42 -5.93
C PHE A 319 -21.26 3.30 -7.07
N ASP A 320 -21.59 2.69 -8.21
CA ASP A 320 -22.15 3.47 -9.30
C ASP A 320 -23.66 3.59 -9.21
N ALA A 321 -24.27 4.27 -10.18
CA ALA A 321 -25.71 4.51 -10.18
C ALA A 321 -26.51 3.21 -10.32
N GLN A 322 -25.89 2.20 -10.92
CA GLN A 322 -26.49 0.87 -11.07
C GLN A 322 -26.30 0.00 -9.83
N GLY A 323 -25.48 0.49 -8.89
CA GLY A 323 -25.24 -0.23 -7.65
C GLY A 323 -24.00 -1.12 -7.65
N ASN A 324 -23.18 -1.02 -8.69
CA ASN A 324 -21.94 -1.79 -8.75
CA ASN A 324 -21.94 -1.79 -8.75
C ASN A 324 -20.81 -1.11 -7.98
N LEU A 325 -20.00 -1.91 -7.30
CA LEU A 325 -18.84 -1.36 -6.59
C LEU A 325 -17.69 -1.26 -7.58
N ARG A 326 -17.44 -0.05 -8.07
CA ARG A 326 -16.45 0.18 -9.12
C ARG A 326 -15.13 0.58 -8.50
N ALA A 327 -14.06 -0.11 -8.91
CA ALA A 327 -12.73 0.14 -8.35
C ALA A 327 -11.72 0.51 -9.42
N ILE A 328 -10.84 1.45 -9.09
CA ILE A 328 -9.63 1.71 -9.87
C ILE A 328 -8.39 1.51 -9.02
N ASN A 329 -7.28 1.19 -9.68
CA ASN A 329 -5.96 1.25 -9.06
C ASN A 329 -5.45 2.67 -9.30
N PRO A 330 -5.27 3.46 -8.21
CA PRO A 330 -4.84 4.85 -8.38
C PRO A 330 -3.36 4.99 -8.79
N GLU A 331 -2.61 3.89 -8.72
CA GLU A 331 -1.18 3.92 -8.98
C GLU A 331 -0.85 3.57 -10.43
N ASN A 332 0.37 3.91 -10.84
CA ASN A 332 0.85 3.71 -12.21
C ASN A 332 1.96 2.67 -12.29
N GLY A 333 2.37 2.16 -11.13
CA GLY A 333 3.44 1.18 -11.04
C GLY A 333 3.37 0.35 -9.80
N PHE A 334 4.36 -0.53 -9.62
CA PHE A 334 4.44 -1.40 -8.45
C PHE A 334 5.70 -1.06 -7.64
N PHE A 335 5.49 -0.82 -6.36
CA PHE A 335 6.58 -0.55 -5.41
C PHE A 335 6.60 -1.72 -4.44
N GLY A 336 7.13 -2.85 -4.92
CA GLY A 336 7.03 -4.09 -4.17
C GLY A 336 8.26 -4.40 -3.36
N VAL A 337 8.07 -5.18 -2.30
CA VAL A 337 9.17 -5.67 -1.47
CA VAL A 337 9.18 -5.65 -1.48
C VAL A 337 9.99 -6.67 -2.28
N ALA A 338 11.29 -6.41 -2.41
CA ALA A 338 12.16 -7.23 -3.27
C ALA A 338 12.46 -8.64 -2.72
N PRO A 339 12.96 -8.74 -1.46
CA PRO A 339 13.33 -10.08 -0.97
C PRO A 339 12.13 -11.02 -0.96
N GLY A 340 12.37 -12.27 -1.36
CA GLY A 340 11.32 -13.29 -1.44
C GLY A 340 10.65 -13.38 -2.80
N THR A 341 10.95 -12.42 -3.68
CA THR A 341 10.45 -12.45 -5.06
C THR A 341 11.33 -13.38 -5.87
N SER A 342 10.72 -14.37 -6.50
CA SER A 342 11.46 -15.37 -7.27
C SER A 342 10.64 -15.85 -8.47
N VAL A 343 11.29 -16.59 -9.36
CA VAL A 343 10.62 -17.23 -10.49
C VAL A 343 9.49 -18.15 -10.01
N LYS A 344 9.72 -18.88 -8.92
CA LYS A 344 8.73 -19.83 -8.41
C LYS A 344 7.62 -19.19 -7.56
N THR A 345 7.93 -18.09 -6.88
CA THR A 345 6.95 -17.42 -6.02
C THR A 345 6.13 -16.37 -6.76
N ASN A 346 6.77 -15.71 -7.73
CA ASN A 346 6.14 -14.65 -8.51
C ASN A 346 6.83 -14.42 -9.86
N PRO A 347 6.63 -15.34 -10.82
CA PRO A 347 7.30 -15.28 -12.12
C PRO A 347 6.91 -14.05 -12.93
N ASN A 348 5.67 -13.61 -12.78
CA ASN A 348 5.17 -12.43 -13.47
C ASN A 348 5.84 -11.12 -13.00
N ALA A 349 6.15 -11.03 -11.71
CA ALA A 349 6.87 -9.89 -11.16
C ALA A 349 8.31 -9.84 -11.67
N ILE A 350 8.91 -11.01 -11.82
CA ILE A 350 10.26 -11.13 -12.37
C ILE A 350 10.29 -10.58 -13.80
N LYS A 351 9.32 -11.00 -14.62
CA LYS A 351 9.17 -10.50 -15.99
C LYS A 351 8.93 -8.99 -16.03
N THR A 352 8.21 -8.46 -15.04
CA THR A 352 7.94 -7.02 -14.94
C THR A 352 9.22 -6.20 -14.70
N ILE A 353 10.08 -6.69 -13.81
CA ILE A 353 11.21 -5.90 -13.31
C ILE A 353 12.50 -5.98 -14.14
N GLN A 354 12.43 -6.65 -15.29
CA GLN A 354 13.59 -6.85 -16.17
C GLN A 354 14.08 -5.59 -16.87
N LYS A 355 13.18 -4.62 -17.04
CA LYS A 355 13.52 -3.35 -17.68
C LYS A 355 12.87 -2.15 -16.98
N ASN A 356 13.43 -0.96 -17.23
CA ASN A 356 12.85 0.32 -16.80
C ASN A 356 12.50 0.40 -15.32
N THR A 357 13.35 -0.19 -14.48
CA THR A 357 13.04 -0.40 -13.08
C THR A 357 14.12 0.20 -12.17
N ILE A 358 13.67 0.76 -11.05
CA ILE A 358 14.57 1.30 -10.04
CA ILE A 358 14.59 1.29 -10.04
C ILE A 358 14.55 0.41 -8.81
N PHE A 359 15.73 -0.05 -8.40
CA PHE A 359 15.88 -0.91 -7.24
C PHE A 359 16.51 -0.09 -6.13
N THR A 360 16.05 -0.30 -4.91
CA THR A 360 16.60 0.39 -3.75
C THR A 360 17.00 -0.63 -2.69
N ASN A 361 18.25 -0.53 -2.25
CA ASN A 361 18.80 -1.36 -1.15
C ASN A 361 18.85 -2.87 -1.37
N VAL A 362 18.98 -3.29 -2.64
CA VAL A 362 19.21 -4.69 -2.97
C VAL A 362 20.68 -4.95 -3.27
N ALA A 363 21.06 -6.22 -3.32
CA ALA A 363 22.42 -6.62 -3.66
C ALA A 363 22.64 -6.58 -5.17
N GLU A 364 23.91 -6.52 -5.58
CA GLU A 364 24.28 -6.50 -6.98
C GLU A 364 25.33 -7.58 -7.26
N THR A 365 25.10 -8.36 -8.31
CA THR A 365 26.06 -9.39 -8.74
C THR A 365 27.14 -8.75 -9.61
N SER A 366 28.26 -9.46 -9.77
CA SER A 366 29.37 -8.98 -10.59
C SER A 366 29.03 -8.92 -12.07
N ASP A 367 27.96 -9.62 -12.47
CA ASP A 367 27.44 -9.55 -13.84
C ASP A 367 26.60 -8.27 -14.04
N GLY A 368 26.39 -7.53 -12.95
CA GLY A 368 25.57 -6.31 -12.97
C GLY A 368 24.10 -6.58 -12.76
N GLY A 369 23.79 -7.75 -12.18
CA GLY A 369 22.42 -8.14 -11.90
C GLY A 369 21.97 -7.82 -10.48
N VAL A 370 20.67 -7.97 -10.23
CA VAL A 370 20.11 -7.77 -8.88
C VAL A 370 20.09 -9.08 -8.09
N TYR A 371 20.21 -8.97 -6.78
CA TYR A 371 20.15 -10.13 -5.89
C TYR A 371 19.52 -9.78 -4.55
N TRP A 372 18.84 -10.76 -3.97
CA TRP A 372 18.25 -10.62 -2.63
C TRP A 372 17.94 -11.97 -2.02
N GLU A 373 17.67 -11.95 -0.72
CA GLU A 373 17.24 -13.14 0.01
C GLU A 373 15.98 -13.75 -0.63
N GLY A 374 16.04 -15.07 -0.89
CA GLY A 374 14.91 -15.80 -1.45
C GLY A 374 14.62 -15.55 -2.93
N ILE A 375 15.63 -15.12 -3.68
CA ILE A 375 15.50 -14.90 -5.12
C ILE A 375 15.47 -16.26 -5.88
N ASP A 376 15.98 -17.31 -5.23
CA ASP A 376 15.94 -18.68 -5.77
C ASP A 376 16.58 -18.76 -7.16
N GLU A 377 17.77 -18.15 -7.28
CA GLU A 377 18.55 -18.21 -8.51
C GLU A 377 20.01 -18.52 -8.17
N PRO A 378 20.42 -19.78 -8.34
CA PRO A 378 21.82 -20.16 -8.17
C PRO A 378 22.69 -19.39 -9.15
N LEU A 379 23.86 -18.91 -8.65
CA LEU A 379 24.79 -18.16 -9.48
C LEU A 379 25.86 -19.05 -10.07
N ALA A 380 26.29 -18.73 -11.31
CA ALA A 380 27.38 -19.44 -11.97
C ALA A 380 28.68 -19.25 -11.19
N PRO A 381 29.54 -20.29 -11.17
CA PRO A 381 30.87 -20.14 -10.53
C PRO A 381 31.58 -18.88 -11.01
N GLY A 382 32.25 -18.20 -10.06
CA GLY A 382 32.96 -16.95 -10.42
C GLY A 382 32.19 -15.70 -9.98
N VAL A 383 30.87 -15.74 -10.20
CA VAL A 383 30.01 -14.58 -9.90
C VAL A 383 30.02 -14.25 -8.40
N THR A 384 30.45 -13.02 -8.08
CA THR A 384 30.48 -12.54 -6.70
C THR A 384 29.35 -11.55 -6.45
N ILE A 385 29.10 -11.22 -5.17
CA ILE A 385 27.97 -10.36 -4.78
C ILE A 385 28.44 -9.15 -3.95
N THR A 386 27.84 -7.96 -4.26
CA THR A 386 28.01 -6.76 -3.44
C THR A 386 26.70 -6.48 -2.73
N SER A 387 26.74 -6.36 -1.41
CA SER A 387 25.54 -6.15 -0.60
C SER A 387 24.98 -4.75 -0.75
N TRP A 388 23.87 -4.50 -0.06
CA TRP A 388 23.21 -3.19 -0.09
C TRP A 388 24.02 -2.14 0.68
N LYS A 389 24.96 -2.61 1.50
CA LYS A 389 25.85 -1.74 2.26
C LYS A 389 27.14 -1.44 1.49
N ASN A 390 27.15 -1.80 0.21
CA ASN A 390 28.29 -1.61 -0.69
C ASN A 390 29.57 -2.34 -0.25
N LYS A 391 29.40 -3.58 0.21
CA LYS A 391 30.51 -4.43 0.63
CA LYS A 391 30.52 -4.43 0.60
C LYS A 391 30.37 -5.82 0.02
N GLU A 392 31.48 -6.53 -0.12
CA GLU A 392 31.46 -7.89 -0.66
C GLU A 392 30.71 -8.83 0.27
N TRP A 393 29.93 -9.73 -0.30
CA TRP A 393 29.01 -10.57 0.47
C TRP A 393 29.12 -12.06 0.12
N ARG A 394 28.98 -12.91 1.14
CA ARG A 394 29.03 -14.36 0.98
C ARG A 394 27.72 -15.00 1.44
N PRO A 395 27.30 -16.11 0.80
CA PRO A 395 26.08 -16.84 1.17
C PRO A 395 25.97 -17.23 2.65
N GLN A 396 27.10 -17.51 3.29
CA GLN A 396 27.10 -17.89 4.71
C GLN A 396 27.59 -16.74 5.62
N ASP A 397 27.35 -15.51 5.20
CA ASP A 397 27.70 -14.34 6.01
C ASP A 397 26.64 -14.02 7.07
N GLU A 398 27.01 -13.15 8.01
CA GLU A 398 26.16 -12.78 9.15
C GLU A 398 24.92 -12.00 8.71
N GLU A 399 25.13 -11.04 7.81
CA GLU A 399 24.09 -10.10 7.41
C GLU A 399 23.41 -10.53 6.11
N PRO A 400 22.14 -10.14 5.90
CA PRO A 400 21.50 -10.28 4.59
C PRO A 400 22.14 -9.37 3.55
N CYS A 401 22.17 -9.80 2.29
CA CYS A 401 22.78 -9.03 1.21
C CYS A 401 21.90 -7.84 0.80
N ALA A 402 20.59 -8.00 0.97
CA ALA A 402 19.64 -6.92 0.71
C ALA A 402 18.93 -6.56 2.01
N HIS A 403 18.57 -5.29 2.17
CA HIS A 403 17.80 -4.86 3.34
C HIS A 403 16.44 -5.55 3.32
N PRO A 404 15.95 -6.03 4.48
CA PRO A 404 14.65 -6.68 4.56
C PRO A 404 13.53 -5.86 3.91
N ASN A 405 13.67 -4.53 3.94
CA ASN A 405 12.67 -3.64 3.39
C ASN A 405 13.04 -3.04 2.03
N SER A 406 13.98 -3.69 1.33
CA SER A 406 14.43 -3.24 0.01
C SER A 406 13.33 -3.36 -1.03
N ARG A 407 13.46 -2.62 -2.13
CA ARG A 407 12.34 -2.42 -3.05
C ARG A 407 12.69 -2.51 -4.53
N PHE A 408 11.69 -2.85 -5.33
CA PHE A 408 11.72 -2.52 -6.76
C PHE A 408 10.60 -1.53 -7.04
N CYS A 409 10.83 -0.67 -8.03
CA CYS A 409 9.85 0.32 -8.45
C CYS A 409 9.74 0.16 -9.96
N THR A 410 8.63 -0.43 -10.42
CA THR A 410 8.49 -0.83 -11.81
CA THR A 410 8.46 -0.87 -11.81
C THR A 410 7.14 -0.40 -12.43
N PRO A 411 7.16 -0.04 -13.74
CA PRO A 411 5.92 0.33 -14.45
C PRO A 411 4.89 -0.80 -14.49
N ALA A 412 3.64 -0.48 -14.13
CA ALA A 412 2.54 -1.45 -14.13
C ALA A 412 2.22 -2.00 -15.52
N SER A 413 2.43 -1.20 -16.56
CA SER A 413 2.16 -1.62 -17.94
C SER A 413 3.06 -2.78 -18.40
N GLN A 414 4.14 -3.02 -17.66
CA GLN A 414 5.13 -4.05 -18.00
C GLN A 414 4.73 -5.43 -17.48
N CYS A 415 3.71 -5.46 -16.64
CA CYS A 415 3.20 -6.73 -16.13
C CYS A 415 2.59 -7.54 -17.27
N PRO A 416 3.11 -8.76 -17.50
CA PRO A 416 2.65 -9.56 -18.64
C PRO A 416 1.18 -9.97 -18.53
N ILE A 417 0.65 -9.95 -17.31
CA ILE A 417 -0.77 -10.27 -17.08
C ILE A 417 -1.57 -9.06 -16.59
N ILE A 418 -1.07 -7.86 -16.87
CA ILE A 418 -1.81 -6.65 -16.53
C ILE A 418 -3.20 -6.74 -17.18
N ASP A 419 -4.22 -6.42 -16.40
CA ASP A 419 -5.59 -6.58 -16.83
C ASP A 419 -5.90 -5.56 -17.94
N PRO A 420 -6.65 -5.97 -18.98
CA PRO A 420 -6.95 -5.02 -20.06
C PRO A 420 -7.81 -3.83 -19.65
N ALA A 421 -8.44 -3.89 -18.48
CA ALA A 421 -9.22 -2.77 -17.96
C ALA A 421 -8.53 -2.06 -16.80
N TRP A 422 -7.23 -2.27 -16.64
CA TRP A 422 -6.48 -1.71 -15.50
C TRP A 422 -6.41 -0.17 -15.50
N GLU A 423 -6.60 0.46 -16.66
CA GLU A 423 -6.76 1.92 -16.68
C GLU A 423 -8.07 2.41 -17.29
N SER A 424 -9.08 1.53 -17.28
CA SER A 424 -10.42 1.90 -17.69
CA SER A 424 -10.42 1.92 -17.70
C SER A 424 -10.95 3.00 -16.77
N PRO A 425 -11.35 4.15 -17.34
CA PRO A 425 -11.75 5.29 -16.49
C PRO A 425 -12.90 4.97 -15.53
N GLU A 426 -13.79 4.06 -15.92
CA GLU A 426 -14.97 3.74 -15.12
C GLU A 426 -14.67 2.75 -13.97
N GLY A 427 -13.51 2.11 -14.03
CA GLY A 427 -13.14 1.13 -13.02
C GLY A 427 -13.69 -0.26 -13.32
N VAL A 428 -13.37 -1.21 -12.46
CA VAL A 428 -13.80 -2.60 -12.62
C VAL A 428 -14.77 -2.99 -11.49
N PRO A 429 -15.84 -3.76 -11.81
CA PRO A 429 -16.84 -4.15 -10.82
C PRO A 429 -16.38 -5.23 -9.83
N ILE A 430 -16.31 -4.85 -8.55
CA ILE A 430 -15.83 -5.75 -7.50
C ILE A 430 -17.01 -6.61 -7.04
N GLU A 431 -16.79 -7.92 -7.00
CA GLU A 431 -17.83 -8.88 -6.63
C GLU A 431 -17.52 -9.62 -5.33
N GLY A 432 -16.27 -9.52 -4.86
CA GLY A 432 -15.85 -10.11 -3.60
C GLY A 432 -14.70 -9.35 -2.97
N ILE A 433 -14.68 -9.31 -1.65
CA ILE A 433 -13.63 -8.62 -0.91
C ILE A 433 -13.04 -9.65 0.06
N ILE A 434 -11.71 -9.77 0.05
CA ILE A 434 -11.02 -10.79 0.81
C ILE A 434 -10.15 -10.14 1.87
N PHE A 435 -10.30 -10.57 3.12
CA PHE A 435 -9.42 -10.16 4.21
C PHE A 435 -8.55 -11.36 4.54
N GLY A 436 -7.36 -11.11 5.07
CA GLY A 436 -6.44 -12.19 5.37
C GLY A 436 -5.29 -11.78 6.24
N GLY A 437 -4.77 -12.73 7.03
CA GLY A 437 -3.60 -12.49 7.86
C GLY A 437 -2.78 -13.76 8.02
N ARG A 438 -1.60 -13.61 8.63
CA ARG A 438 -0.74 -14.75 8.96
CA ARG A 438 -0.77 -14.76 8.95
C ARG A 438 -1.12 -15.31 10.34
N ARG A 439 -1.80 -16.45 10.34
CA ARG A 439 -2.19 -17.11 11.60
C ARG A 439 -1.76 -18.57 11.62
N PRO A 440 -0.69 -18.88 12.39
CA PRO A 440 -0.14 -20.23 12.45
C PRO A 440 -1.11 -21.25 13.03
N ALA A 441 -2.12 -20.76 13.76
CA ALA A 441 -3.04 -21.65 14.46
C ALA A 441 -4.48 -21.13 14.45
N GLY A 442 -5.41 -22.07 14.54
CA GLY A 442 -6.82 -21.77 14.84
C GLY A 442 -7.73 -21.31 13.71
N VAL A 443 -7.17 -20.58 12.76
CA VAL A 443 -7.96 -19.93 11.70
C VAL A 443 -7.89 -20.74 10.40
N PRO A 444 -9.06 -21.18 9.88
CA PRO A 444 -9.11 -22.04 8.70
C PRO A 444 -8.61 -21.36 7.43
N LEU A 445 -8.35 -22.17 6.41
CA LEU A 445 -7.86 -21.71 5.11
C LEU A 445 -8.72 -20.59 4.51
N VAL A 446 -10.03 -20.77 4.54
CA VAL A 446 -10.97 -19.80 3.99
C VAL A 446 -12.32 -19.92 4.69
N TYR A 447 -12.93 -18.79 4.97
CA TYR A 447 -14.34 -18.76 5.34
C TYR A 447 -15.02 -17.55 4.76
N GLU A 448 -16.35 -17.58 4.75
CA GLU A 448 -17.16 -16.53 4.14
C GLU A 448 -18.01 -15.89 5.23
N ALA A 449 -18.07 -14.57 5.21
CA ALA A 449 -18.84 -13.80 6.18
C ALA A 449 -20.33 -14.08 6.04
N LEU A 450 -21.05 -14.01 7.16
CA LEU A 450 -22.47 -14.36 7.23
C LEU A 450 -23.40 -13.29 6.66
N SER A 451 -22.88 -12.07 6.57
CA SER A 451 -23.61 -10.90 6.12
C SER A 451 -22.62 -9.76 5.93
N TRP A 452 -23.10 -8.63 5.41
CA TRP A 452 -22.25 -7.46 5.26
C TRP A 452 -21.71 -7.01 6.60
N GLN A 453 -22.60 -6.91 7.60
CA GLN A 453 -22.20 -6.48 8.95
C GLN A 453 -21.16 -7.43 9.58
N HIS A 454 -21.36 -8.73 9.41
CA HIS A 454 -20.40 -9.71 9.90
C HIS A 454 -19.07 -9.55 9.16
N GLY A 455 -19.15 -9.29 7.86
CA GLY A 455 -17.96 -9.08 7.03
C GLY A 455 -17.14 -7.87 7.46
N VAL A 456 -17.82 -6.77 7.77
CA VAL A 456 -17.15 -5.58 8.28
C VAL A 456 -16.45 -5.91 9.62
N PHE A 457 -17.12 -6.69 10.47
CA PHE A 457 -16.53 -7.18 11.73
C PHE A 457 -15.28 -8.02 11.48
N VAL A 458 -15.34 -8.87 10.45
CA VAL A 458 -14.21 -9.75 10.13
C VAL A 458 -12.99 -8.90 9.79
N GLY A 459 -13.20 -7.87 8.96
CA GLY A 459 -12.14 -6.91 8.62
C GLY A 459 -11.62 -6.20 9.86
N ALA A 460 -12.53 -5.81 10.76
CA ALA A 460 -12.15 -5.11 11.98
C ALA A 460 -11.32 -5.99 12.92
N ALA A 461 -11.58 -7.29 12.87
CA ALA A 461 -10.97 -8.25 13.80
C ALA A 461 -9.62 -8.81 13.32
N MET A 462 -9.18 -8.40 12.13
CA MET A 462 -7.96 -8.95 11.52
C MET A 462 -6.75 -8.89 12.42
N ARG A 463 -6.05 -10.01 12.53
CA ARG A 463 -4.80 -10.11 13.28
C ARG A 463 -3.81 -10.92 12.44
N SER A 464 -2.52 -10.64 12.62
CA SER A 464 -1.47 -11.34 11.88
CA SER A 464 -1.47 -11.32 11.86
C SER A 464 -0.17 -11.34 12.65
N GLU A 465 0.54 -12.47 12.58
CA GLU A 465 1.82 -12.65 13.28
C GLU A 465 2.91 -11.75 12.69
N ALA A 466 3.75 -11.22 13.59
CA ALA A 466 4.89 -10.40 13.20
C ALA A 466 6.13 -10.81 14.00
N GLY A 474 9.16 -13.91 14.25
CA GLY A 474 7.72 -14.09 14.43
C GLY A 474 7.36 -14.70 15.77
N LYS A 475 6.86 -13.86 16.67
CA LYS A 475 6.55 -14.26 18.04
C LYS A 475 5.46 -13.41 18.70
N VAL A 476 4.91 -12.45 17.93
CA VAL A 476 3.78 -11.65 18.40
C VAL A 476 2.65 -11.60 17.36
N ILE A 477 1.41 -11.76 17.84
CA ILE A 477 0.23 -11.60 16.99
C ILE A 477 -0.34 -10.23 17.30
N MET A 478 -0.47 -9.39 16.30
CA MET A 478 -1.05 -8.06 16.51
C MET A 478 -2.20 -7.73 15.58
N HIS A 479 -3.02 -6.76 15.99
CA HIS A 479 -4.15 -6.34 15.20
C HIS A 479 -3.77 -5.44 14.06
N ASP A 480 -4.39 -5.68 12.91
CA ASP A 480 -4.27 -4.82 11.73
C ASP A 480 -5.62 -4.77 11.01
N PRO A 481 -6.61 -4.05 11.59
CA PRO A 481 -7.93 -4.04 10.96
C PRO A 481 -7.89 -3.50 9.53
N PHE A 482 -8.51 -4.26 8.62
CA PHE A 482 -8.60 -3.92 7.21
C PHE A 482 -7.23 -3.74 6.54
N ALA A 483 -6.18 -4.23 7.18
CA ALA A 483 -4.78 -3.99 6.75
C ALA A 483 -4.43 -2.48 6.71
N MET A 484 -5.19 -1.68 7.47
CA MET A 484 -5.08 -0.23 7.39
C MET A 484 -4.54 0.43 8.66
N ARG A 485 -4.02 -0.37 9.59
CA ARG A 485 -3.63 0.19 10.87
C ARG A 485 -2.65 1.38 10.78
N PRO A 486 -1.62 1.28 9.90
CA PRO A 486 -0.73 2.45 9.80
C PRO A 486 -1.25 3.54 8.84
N PHE A 487 -2.47 3.37 8.33
CA PHE A 487 -2.96 4.15 7.20
C PHE A 487 -4.29 4.88 7.37
N PHE A 488 -5.02 4.65 8.47
CA PHE A 488 -6.29 5.35 8.69
C PHE A 488 -6.10 6.86 8.63
N GLY A 489 -6.87 7.53 7.79
CA GLY A 489 -6.79 8.99 7.66
C GLY A 489 -7.63 9.71 8.72
N TYR A 490 -8.47 8.94 9.41
CA TYR A 490 -9.42 9.46 10.38
C TYR A 490 -9.82 8.37 11.37
N ASN A 491 -10.66 8.75 12.32
CA ASN A 491 -11.15 7.89 13.40
C ASN A 491 -11.61 6.49 12.91
N PHE A 492 -10.98 5.43 13.42
CA PHE A 492 -11.26 4.07 12.95
C PHE A 492 -12.72 3.64 13.20
N GLY A 493 -13.30 4.13 14.29
CA GLY A 493 -14.71 3.91 14.61
C GLY A 493 -15.63 4.49 13.52
N LYS A 494 -15.32 5.71 13.10
CA LYS A 494 -16.05 6.37 12.00
C LYS A 494 -15.88 5.66 10.66
N TYR A 495 -14.67 5.12 10.44
CA TYR A 495 -14.37 4.28 9.28
C TYR A 495 -15.25 3.01 9.26
N LEU A 496 -15.39 2.36 10.40
CA LEU A 496 -16.30 1.22 10.56
C LEU A 496 -17.75 1.62 10.23
N ALA A 497 -18.20 2.72 10.81
CA ALA A 497 -19.52 3.30 10.50
C ALA A 497 -19.68 3.58 9.00
N HIS A 498 -18.62 4.09 8.38
CA HIS A 498 -18.63 4.38 6.97
C HIS A 498 -18.85 3.09 6.14
N TRP A 499 -18.10 2.04 6.46
CA TRP A 499 -18.27 0.74 5.83
C TRP A 499 -19.69 0.18 6.01
N LEU A 500 -20.19 0.20 7.24
CA LEU A 500 -21.54 -0.30 7.54
C LEU A 500 -22.64 0.45 6.78
N SER A 501 -22.46 1.75 6.56
CA SER A 501 -23.47 2.59 5.88
C SER A 501 -23.75 2.16 4.44
N MET A 502 -22.82 1.42 3.84
CA MET A 502 -22.97 0.95 2.45
CA MET A 502 -22.97 0.97 2.45
C MET A 502 -24.19 0.06 2.28
N ALA A 503 -24.54 -0.66 3.35
CA ALA A 503 -25.70 -1.55 3.38
C ALA A 503 -27.03 -0.79 3.30
N HIS A 504 -26.99 0.52 3.50
CA HIS A 504 -28.20 1.34 3.52
C HIS A 504 -28.31 2.24 2.30
N ARG A 505 -27.32 2.14 1.43
CA ARG A 505 -27.33 2.81 0.13
CA ARG A 505 -27.34 2.80 0.13
C ARG A 505 -28.28 2.05 -0.80
N PRO A 506 -29.28 2.76 -1.38
CA PRO A 506 -30.24 2.06 -2.25
C PRO A 506 -29.60 1.41 -3.48
N ALA A 507 -30.03 0.18 -3.77
CA ALA A 507 -29.59 -0.58 -4.95
C ALA A 507 -28.13 -1.04 -4.97
N ALA A 508 -27.43 -0.85 -3.85
CA ALA A 508 -26.03 -1.29 -3.75
C ALA A 508 -25.92 -2.81 -3.80
N LYS A 509 -25.05 -3.29 -4.68
CA LYS A 509 -24.79 -4.71 -4.80
C LYS A 509 -23.57 -5.02 -3.96
N LEU A 510 -23.80 -5.48 -2.73
CA LEU A 510 -22.74 -5.65 -1.76
C LEU A 510 -21.92 -6.91 -2.04
N PRO A 511 -20.60 -6.75 -2.20
CA PRO A 511 -19.77 -7.92 -2.48
C PRO A 511 -19.71 -8.89 -1.32
N LYS A 512 -19.48 -10.16 -1.63
CA LYS A 512 -19.25 -11.18 -0.60
C LYS A 512 -17.93 -10.93 0.07
N ILE A 513 -17.87 -11.21 1.37
CA ILE A 513 -16.67 -11.00 2.16
CA ILE A 513 -16.65 -11.01 2.12
C ILE A 513 -16.12 -12.35 2.61
N PHE A 514 -14.84 -12.56 2.35
CA PHE A 514 -14.15 -13.78 2.69
C PHE A 514 -12.99 -13.45 3.61
N HIS A 515 -12.55 -14.46 4.35
CA HIS A 515 -11.31 -14.33 5.10
C HIS A 515 -10.44 -15.53 4.73
N VAL A 516 -9.19 -15.28 4.36
CA VAL A 516 -8.25 -16.36 4.05
C VAL A 516 -7.07 -16.41 5.00
N ASN A 517 -6.51 -17.62 5.16
CA ASN A 517 -5.29 -17.84 5.90
C ASN A 517 -4.42 -18.85 5.16
N TRP A 518 -3.38 -18.37 4.49
CA TRP A 518 -2.44 -19.28 3.80
C TRP A 518 -1.45 -19.93 4.76
N PHE A 519 -1.41 -19.47 6.01
CA PHE A 519 -0.26 -19.72 6.88
C PHE A 519 -0.46 -20.65 8.09
N ARG A 520 -1.57 -21.40 8.09
CA ARG A 520 -1.85 -22.32 9.20
C ARG A 520 -0.86 -23.47 9.21
N LYS A 521 -0.34 -23.78 10.40
CA LYS A 521 0.64 -24.84 10.58
C LYS A 521 0.05 -26.02 11.35
N ASP A 522 0.69 -27.19 11.24
CA ASP A 522 0.39 -28.33 12.10
C ASP A 522 1.08 -28.18 13.47
N LYS A 523 1.16 -29.27 14.23
CA LYS A 523 1.68 -29.21 15.60
C LYS A 523 3.21 -29.12 15.71
N ASN A 524 3.90 -29.33 14.59
CA ASN A 524 5.38 -29.23 14.58
C ASN A 524 5.96 -28.13 13.67
N GLY A 525 5.09 -27.22 13.23
CA GLY A 525 5.52 -26.00 12.54
C GLY A 525 5.43 -25.98 11.04
N LYS A 526 4.90 -27.04 10.44
CA LYS A 526 4.84 -27.15 8.98
C LYS A 526 3.55 -26.57 8.41
N PHE A 527 3.69 -25.73 7.38
CA PHE A 527 2.54 -25.17 6.67
C PHE A 527 1.63 -26.29 6.13
N LEU A 528 0.32 -26.09 6.30
CA LEU A 528 -0.68 -27.08 5.90
C LEU A 528 -1.15 -26.90 4.46
N TRP A 529 -0.92 -25.71 3.92
CA TRP A 529 -1.37 -25.37 2.58
C TRP A 529 -0.20 -24.96 1.69
N PRO A 530 -0.06 -25.61 0.51
CA PRO A 530 1.02 -25.35 -0.44
C PRO A 530 1.10 -23.90 -0.95
N GLY A 531 -0.06 -23.26 -1.12
CA GLY A 531 -0.13 -21.84 -1.44
C GLY A 531 0.30 -21.46 -2.85
N PHE A 532 0.77 -20.22 -2.98
CA PHE A 532 1.19 -19.66 -4.27
C PHE A 532 0.11 -19.87 -5.33
N GLY A 533 0.49 -20.51 -6.44
CA GLY A 533 -0.45 -20.79 -7.54
C GLY A 533 -1.63 -21.64 -7.13
N GLU A 534 -1.45 -22.42 -6.07
CA GLU A 534 -2.51 -23.30 -5.57
C GLU A 534 -3.64 -22.54 -4.90
N ASN A 535 -3.43 -21.25 -4.65
CA ASN A 535 -4.47 -20.41 -4.08
C ASN A 535 -5.62 -20.19 -5.06
N SER A 536 -5.36 -20.45 -6.34
CA SER A 536 -6.41 -20.44 -7.38
C SER A 536 -7.58 -21.36 -7.01
N ARG A 537 -7.28 -22.40 -6.24
CA ARG A 537 -8.29 -23.35 -5.77
C ARG A 537 -9.26 -22.70 -4.79
N VAL A 538 -8.71 -21.84 -3.93
CA VAL A 538 -9.53 -21.08 -2.99
C VAL A 538 -10.33 -20.01 -3.75
N LEU A 539 -9.69 -19.35 -4.71
CA LEU A 539 -10.38 -18.38 -5.56
C LEU A 539 -11.54 -18.99 -6.34
N GLU A 540 -11.37 -20.22 -6.81
CA GLU A 540 -12.43 -20.94 -7.53
C GLU A 540 -13.67 -21.10 -6.64
N TRP A 541 -13.44 -21.48 -5.39
CA TRP A 541 -14.52 -21.64 -4.42
C TRP A 541 -15.27 -20.33 -4.17
N MET A 542 -14.54 -19.22 -4.06
CA MET A 542 -15.13 -17.90 -3.86
C MET A 542 -15.94 -17.51 -5.08
N PHE A 543 -15.40 -17.83 -6.25
CA PHE A 543 -16.04 -17.54 -7.54
C PHE A 543 -17.42 -18.20 -7.57
N GLY A 544 -17.48 -19.48 -7.19
CA GLY A 544 -18.72 -20.24 -7.18
C GLY A 544 -19.71 -19.78 -6.13
N ARG A 545 -19.19 -19.38 -4.96
CA ARG A 545 -20.02 -18.80 -3.91
C ARG A 545 -20.68 -17.49 -4.33
N ILE A 546 -19.90 -16.62 -5.00
CA ILE A 546 -20.45 -15.41 -5.62
C ILE A 546 -21.56 -15.77 -6.62
N GLU A 547 -21.38 -16.88 -7.33
CA GLU A 547 -22.37 -17.37 -8.30
C GLU A 547 -23.58 -18.04 -7.67
N GLY A 548 -23.51 -18.35 -6.37
CA GLY A 548 -24.64 -18.94 -5.66
C GLY A 548 -24.55 -20.45 -5.47
N GLU A 549 -23.40 -21.01 -5.83
CA GLU A 549 -23.11 -22.44 -5.70
C GLU A 549 -23.45 -22.90 -4.28
N ASP A 550 -24.10 -24.06 -4.17
CA ASP A 550 -24.43 -24.65 -2.87
C ASP A 550 -23.23 -25.44 -2.36
N SER A 551 -22.13 -24.73 -2.13
CA SER A 551 -20.84 -25.36 -1.85
C SER A 551 -20.33 -25.06 -0.45
N ALA A 552 -21.21 -24.54 0.41
CA ALA A 552 -20.81 -24.05 1.73
C ALA A 552 -21.52 -24.74 2.88
N LYS A 553 -20.80 -24.84 4.00
CA LYS A 553 -21.28 -25.39 5.25
C LYS A 553 -21.22 -24.32 6.34
N LEU A 554 -22.29 -24.21 7.12
CA LEU A 554 -22.37 -23.21 8.18
C LEU A 554 -21.54 -23.64 9.39
N THR A 555 -20.70 -22.72 9.89
CA THR A 555 -19.98 -22.88 11.14
C THR A 555 -20.19 -21.61 11.98
N PRO A 556 -19.81 -21.63 13.27
CA PRO A 556 -19.87 -20.45 14.14
C PRO A 556 -19.12 -19.20 13.61
N ILE A 557 -18.07 -19.39 12.82
CA ILE A 557 -17.26 -18.25 12.37
C ILE A 557 -17.68 -17.74 11.00
N GLY A 558 -18.57 -18.48 10.34
CA GLY A 558 -18.97 -18.19 8.95
C GLY A 558 -19.12 -19.47 8.13
N TYR A 559 -19.30 -19.32 6.81
CA TYR A 559 -19.40 -20.49 5.92
C TYR A 559 -18.03 -20.96 5.48
N VAL A 560 -17.80 -22.27 5.55
CA VAL A 560 -16.59 -22.88 5.01
C VAL A 560 -16.94 -23.79 3.84
N PRO A 561 -15.94 -24.18 3.02
CA PRO A 561 -16.18 -25.21 2.00
C PRO A 561 -16.78 -26.49 2.58
N LYS A 562 -17.81 -27.00 1.91
CA LYS A 562 -18.35 -28.34 2.18
C LYS A 562 -17.26 -29.40 1.99
N GLU A 563 -17.53 -30.60 2.50
CA GLU A 563 -16.72 -31.76 2.23
C GLU A 563 -16.58 -31.93 0.71
N ASP A 564 -15.33 -32.03 0.25
CA ASP A 564 -15.01 -32.25 -1.17
C ASP A 564 -15.31 -31.07 -2.10
N ALA A 565 -15.70 -29.92 -1.53
CA ALA A 565 -16.06 -28.75 -2.35
C ALA A 565 -14.86 -28.09 -3.02
N LEU A 566 -13.72 -28.12 -2.34
CA LEU A 566 -12.47 -27.61 -2.91
C LEU A 566 -11.87 -28.59 -3.91
N ASN A 567 -11.36 -28.06 -5.02
CA ASN A 567 -10.59 -28.85 -5.98
C ASN A 567 -9.19 -29.05 -5.40
N LEU A 568 -8.90 -30.28 -5.01
CA LEU A 568 -7.61 -30.63 -4.40
C LEU A 568 -6.80 -31.60 -5.26
N LYS A 569 -7.27 -31.82 -6.49
CA LYS A 569 -6.62 -32.74 -7.41
C LYS A 569 -5.21 -32.23 -7.76
N GLY A 570 -4.24 -33.14 -7.69
CA GLY A 570 -2.84 -32.80 -7.96
C GLY A 570 -2.07 -32.29 -6.76
N LEU A 571 -2.72 -32.26 -5.60
CA LEU A 571 -2.12 -31.75 -4.37
C LEU A 571 -1.65 -32.84 -3.40
N GLY A 572 -1.93 -34.10 -3.73
CA GLY A 572 -1.64 -35.20 -2.83
C GLY A 572 -2.60 -35.24 -1.66
N ASP A 573 -2.09 -35.60 -0.49
CA ASP A 573 -2.92 -35.71 0.71
C ASP A 573 -2.83 -34.46 1.59
N VAL A 574 -3.67 -33.47 1.27
CA VAL A 574 -3.80 -32.26 2.08
C VAL A 574 -4.62 -32.56 3.34
N ASN A 575 -4.08 -32.16 4.49
CA ASN A 575 -4.70 -32.41 5.79
C ASN A 575 -5.89 -31.48 6.02
N VAL A 576 -7.04 -31.83 5.44
CA VAL A 576 -8.24 -30.98 5.45
C VAL A 576 -8.88 -30.85 6.84
N GLU A 577 -8.70 -31.88 7.67
CA GLU A 577 -9.23 -31.89 9.03
C GLU A 577 -8.60 -30.76 9.86
N GLU A 578 -7.28 -30.68 9.81
CA GLU A 578 -6.54 -29.65 10.56
CA GLU A 578 -6.52 -29.65 10.54
C GLU A 578 -6.67 -28.27 9.91
N LEU A 579 -6.61 -28.23 8.57
CA LEU A 579 -6.67 -26.99 7.82
CA LEU A 579 -6.67 -26.99 7.82
C LEU A 579 -8.03 -26.29 7.97
N PHE A 580 -9.08 -27.07 8.14
CA PHE A 580 -10.42 -26.51 8.29
C PHE A 580 -11.03 -26.70 9.66
N GLY A 581 -10.22 -27.14 10.61
CA GLY A 581 -10.68 -27.39 11.97
C GLY A 581 -10.96 -26.10 12.71
N ILE A 582 -12.06 -26.10 13.48
CA ILE A 582 -12.37 -24.97 14.35
CA ILE A 582 -12.43 -24.97 14.34
C ILE A 582 -12.58 -25.44 15.79
N SER A 583 -11.74 -24.91 16.67
CA SER A 583 -11.72 -25.29 18.08
C SER A 583 -12.51 -24.28 18.91
N LYS A 584 -13.39 -24.77 19.79
CA LYS A 584 -14.13 -23.91 20.71
C LYS A 584 -13.16 -23.17 21.62
N GLU A 585 -12.16 -23.91 22.11
CA GLU A 585 -11.12 -23.37 22.98
C GLU A 585 -10.35 -22.23 22.30
N PHE A 586 -9.92 -22.43 21.05
CA PHE A 586 -9.25 -21.36 20.32
C PHE A 586 -10.15 -20.14 20.14
N TRP A 587 -11.39 -20.38 19.72
CA TRP A 587 -12.29 -19.28 19.36
C TRP A 587 -12.88 -18.53 20.54
N GLU A 588 -12.95 -19.19 21.71
CA GLU A 588 -13.28 -18.53 22.97
C GLU A 588 -12.24 -17.45 23.27
N LYS A 589 -10.97 -17.85 23.19
CA LYS A 589 -9.83 -16.97 23.45
C LYS A 589 -9.79 -15.84 22.44
N GLU A 590 -10.02 -16.20 21.17
CA GLU A 590 -9.97 -15.24 20.07
C GLU A 590 -11.00 -14.14 20.24
N VAL A 591 -12.24 -14.52 20.48
CA VAL A 591 -13.33 -13.56 20.58
C VAL A 591 -13.17 -12.68 21.83
N GLU A 592 -12.60 -13.25 22.88
CA GLU A 592 -12.23 -12.52 24.08
C GLU A 592 -11.20 -11.43 23.74
N GLU A 593 -10.25 -11.79 22.88
CA GLU A 593 -9.13 -10.90 22.57
C GLU A 593 -9.61 -9.73 21.72
N ILE A 594 -10.50 -10.02 20.78
CA ILE A 594 -11.06 -9.02 19.90
C ILE A 594 -11.92 -8.03 20.70
N ASP A 595 -12.70 -8.57 21.64
CA ASP A 595 -13.55 -7.78 22.51
C ASP A 595 -12.73 -6.74 23.29
N LYS A 596 -11.69 -7.20 23.98
CA LYS A 596 -10.83 -6.28 24.74
CA LYS A 596 -10.81 -6.31 24.74
C LYS A 596 -10.16 -5.26 23.85
N TYR A 597 -9.67 -5.70 22.67
CA TYR A 597 -9.01 -4.79 21.73
C TYR A 597 -9.95 -3.68 21.23
N LEU A 598 -11.15 -4.05 20.81
CA LEU A 598 -12.14 -3.08 20.30
CA LEU A 598 -12.11 -3.08 20.30
C LEU A 598 -12.62 -2.15 21.41
N GLU A 599 -12.84 -2.71 22.60
CA GLU A 599 -13.26 -1.91 23.74
C GLU A 599 -12.23 -0.81 24.03
N ASP A 600 -10.96 -1.20 24.08
CA ASP A 600 -9.87 -0.29 24.41
C ASP A 600 -9.62 0.72 23.28
N GLN A 601 -9.35 0.22 22.09
CA GLN A 601 -8.90 1.07 20.96
C GLN A 601 -10.01 1.83 20.25
N VAL A 602 -11.23 1.31 20.32
CA VAL A 602 -12.33 1.98 19.64
C VAL A 602 -13.25 2.66 20.66
N ASN A 603 -13.53 2.00 21.78
CA ASN A 603 -14.17 2.67 22.93
C ASN A 603 -15.52 3.28 22.51
N ALA A 604 -15.69 4.58 22.69
CA ALA A 604 -16.98 5.26 22.42
C ALA A 604 -17.41 5.33 20.95
N ASP A 605 -16.46 5.13 20.03
CA ASP A 605 -16.77 5.24 18.60
C ASP A 605 -17.04 3.90 17.93
N LEU A 606 -17.14 2.85 18.73
CA LEU A 606 -17.42 1.52 18.20
C LEU A 606 -18.90 1.43 17.83
N PRO A 607 -19.19 1.21 16.52
CA PRO A 607 -20.60 1.13 16.13
C PRO A 607 -21.33 -0.04 16.76
N TYR A 608 -22.62 0.19 17.01
CA TYR A 608 -23.55 -0.79 17.58
C TYR A 608 -23.44 -2.14 16.87
N GLU A 609 -23.49 -2.11 15.54
CA GLU A 609 -23.48 -3.33 14.77
C GLU A 609 -22.22 -4.17 14.96
N ILE A 610 -21.09 -3.52 15.23
CA ILE A 610 -19.84 -4.26 15.43
C ILE A 610 -19.89 -4.96 16.77
N GLU A 611 -20.35 -4.24 17.79
CA GLU A 611 -20.58 -4.83 19.12
CA GLU A 611 -20.59 -4.83 19.11
C GLU A 611 -21.57 -5.99 19.00
N ARG A 612 -22.61 -5.81 18.18
CA ARG A 612 -23.61 -6.87 17.97
C ARG A 612 -23.01 -8.11 17.31
N GLU A 613 -22.17 -7.90 16.28
CA GLU A 613 -21.52 -9.02 15.60
C GLU A 613 -20.61 -9.78 16.54
N LEU A 614 -19.91 -9.03 17.38
CA LEU A 614 -19.06 -9.58 18.42
C LEU A 614 -19.83 -10.43 19.43
N ARG A 615 -20.94 -9.90 19.96
CA ARG A 615 -21.80 -10.65 20.87
C ARG A 615 -22.32 -11.93 20.20
N ALA A 616 -22.73 -11.81 18.94
CA ALA A 616 -23.26 -12.94 18.16
C ALA A 616 -22.24 -14.05 18.00
N LEU A 617 -21.01 -13.66 17.66
CA LEU A 617 -19.91 -14.61 17.51
C LEU A 617 -19.64 -15.32 18.83
N LYS A 618 -19.55 -14.56 19.93
CA LYS A 618 -19.40 -15.11 21.27
CA LYS A 618 -19.40 -15.11 21.28
C LYS A 618 -20.48 -16.15 21.57
N GLN A 619 -21.72 -15.81 21.19
CA GLN A 619 -22.88 -16.68 21.44
C GLN A 619 -22.79 -17.98 20.63
N ARG A 620 -22.45 -17.87 19.35
CA ARG A 620 -22.31 -19.05 18.50
C ARG A 620 -21.22 -19.99 19.00
N ILE A 621 -20.11 -19.41 19.47
CA ILE A 621 -18.99 -20.19 20.04
CA ILE A 621 -18.99 -20.19 20.04
C ILE A 621 -19.42 -20.89 21.33
N SER A 622 -20.17 -20.21 22.17
CA SER A 622 -20.62 -20.78 23.46
C SER A 622 -21.47 -22.04 23.28
N GLN A 623 -22.12 -22.17 22.12
CA GLN A 623 -23.06 -23.27 21.85
C GLN A 623 -22.46 -24.48 21.13
N MET A 624 -21.18 -24.41 20.77
CA MET A 624 -20.53 -25.56 20.13
C MET A 624 -20.01 -26.61 21.13
#